data_3W2M
#
_entry.id   3W2M
#
_cell.length_a   67.998
_cell.length_b   71.988
_cell.length_c   129.097
_cell.angle_alpha   90.00
_cell.angle_beta   90.00
_cell.angle_gamma   90.00
#
_symmetry.space_group_name_H-M   'P 21 21 21'
#
loop_
_entity.id
_entity.type
_entity.pdbx_description
1 polymer 'Dihydroorotate dehydrogenase (fumarate)'
2 non-polymer '2,6-dioxo-5-{2-[4-(trifluoromethyl)phenyl]ethyl}-1,2,3,6-tetrahydropyrimidine-4-carboxylic acid'
3 non-polymer GLYCEROL
4 non-polymer 'FLAVIN MONONUCLEOTIDE'
5 non-polymer 'COBALT HEXAMMINE(III)'
6 water water
#
_entity_poly.entity_id   1
_entity_poly.type   'polypeptide(L)'
_entity_poly.pdbx_seq_one_letter_code
;MCLKLNLLDHVFANPFMNAAGVLCSTEEDLRCMTASSSGALVSKSCTSAPRDGNPEPRYMAFPLGSINSMGLPNLGFDFY
LKYASDLHDYSKKPLFLSISGLSVEENVAMVRRLAPVAQEKGVLLELNLSCPNVPGKPQVAYDFEAMRTYLQQVSLAYGL
PFGVKMPPYFDIAHFDTAAAVLNEFPLVKFVTCVNSVGNGLVIDAESESVVIKPKQGFGGLGGKYILPTALANVNAFYRR
CPDKLVFGCGGVYSGEDAFLHILAGASMVQVGTALQEEGPGIFTRLEDELLEIMARKGYRTLEEFRGRVKTIE
;
_entity_poly.pdbx_strand_id   A,B
#
# COMPACT_ATOMS: atom_id res chain seq x y z
N MET A 1 -10.18 35.58 -0.43
CA MET A 1 -9.64 34.24 -0.40
C MET A 1 -8.73 34.03 -1.60
N CYS A 2 -7.64 33.32 -1.38
CA CYS A 2 -6.80 32.97 -2.52
C CYS A 2 -5.96 31.73 -2.37
N LEU A 3 -5.70 31.15 -3.54
CA LEU A 3 -4.97 29.93 -3.65
C LEU A 3 -3.53 30.11 -4.04
N LYS A 4 -3.05 31.35 -4.12
CA LYS A 4 -1.69 31.65 -4.56
C LYS A 4 -0.66 31.07 -3.61
N LEU A 5 0.45 30.63 -4.18
CA LEU A 5 1.62 30.26 -3.46
C LEU A 5 2.87 30.85 -4.12
N ASN A 6 3.87 31.09 -3.33
CA ASN A 6 5.16 31.51 -3.83
C ASN A 6 6.11 30.53 -3.21
N LEU A 7 6.76 29.73 -4.01
CA LEU A 7 7.75 28.84 -3.49
C LEU A 7 8.76 28.53 -4.52
N LEU A 8 9.91 28.15 -4.04
CA LEU A 8 11.03 27.82 -4.97
C LEU A 8 11.34 28.95 -5.93
N ASP A 9 11.13 30.21 -5.49
CA ASP A 9 11.32 31.39 -6.30
C ASP A 9 10.45 31.47 -7.52
N HIS A 10 9.29 30.83 -7.42
CA HIS A 10 8.25 30.92 -8.40
C HIS A 10 6.96 31.29 -7.81
N VAL A 11 6.06 31.77 -8.67
CA VAL A 11 4.71 32.11 -8.25
C VAL A 11 3.72 31.19 -8.96
N PHE A 12 2.77 30.70 -8.16
CA PHE A 12 1.79 29.71 -8.60
C PHE A 12 0.39 30.26 -8.35
N ALA A 13 -0.51 30.24 -9.33
CA ALA A 13 -1.86 30.76 -9.11
C ALA A 13 -2.64 29.90 -8.16
N ASN A 14 -2.30 28.62 -8.11
CA ASN A 14 -3.03 27.69 -7.25
C ASN A 14 -2.11 26.52 -7.04
N PRO A 15 -2.41 25.59 -6.15
CA PRO A 15 -1.49 24.46 -5.87
C PRO A 15 -1.58 23.28 -6.78
N PHE A 16 -2.47 23.33 -7.69
CA PHE A 16 -2.78 22.09 -8.50
C PHE A 16 -1.92 21.97 -9.72
N MET A 17 -1.55 20.71 -9.99
CA MET A 17 -0.74 20.37 -11.18
C MET A 17 -1.02 18.93 -11.53
N ASN A 18 -0.66 18.54 -12.76
CA ASN A 18 -0.70 17.15 -13.09
C ASN A 18 0.30 16.37 -12.29
N ALA A 19 0.09 15.08 -12.09
CA ALA A 19 1.09 14.12 -11.66
C ALA A 19 1.92 13.66 -12.83
N ALA A 20 3.25 13.48 -12.60
CA ALA A 20 4.04 13.08 -13.70
C ALA A 20 3.49 11.82 -14.35
N GLY A 21 3.53 11.79 -15.66
CA GLY A 21 3.04 10.71 -16.39
C GLY A 21 1.70 10.91 -17.03
N VAL A 22 0.88 11.76 -16.42
CA VAL A 22 -0.49 11.99 -16.88
C VAL A 22 -0.55 13.32 -17.62
N LEU A 23 -1.02 13.27 -18.88
CA LEU A 23 -1.26 14.41 -19.75
C LEU A 23 0.01 15.23 -19.90
N CYS A 24 1.11 14.53 -20.13
CA CYS A 24 2.35 15.27 -20.21
C CYS A 24 3.49 14.68 -21.04
N SER A 25 3.14 13.81 -21.97
CA SER A 25 4.16 13.13 -22.76
C SER A 25 4.57 13.76 -24.09
N THR A 26 3.62 14.41 -24.71
CA THR A 26 3.78 15.01 -26.02
C THR A 26 3.63 16.51 -25.93
N GLU A 27 4.03 17.17 -27.00
CA GLU A 27 3.90 18.59 -27.04
C GLU A 27 2.43 18.99 -26.93
N GLU A 28 1.57 18.23 -27.62
CA GLU A 28 0.16 18.51 -27.54
C GLU A 28 -0.29 18.44 -26.06
N ASP A 29 0.16 17.41 -25.33
CA ASP A 29 -0.21 17.21 -23.91
C ASP A 29 0.23 18.43 -23.13
N LEU A 30 1.49 18.82 -23.29
CA LEU A 30 2.07 19.92 -22.51
C LEU A 30 1.41 21.24 -22.81
N ARG A 31 1.01 21.50 -24.07
CA ARG A 31 0.26 22.67 -24.45
C ARG A 31 -1.12 22.62 -23.77
N CYS A 32 -1.74 21.46 -23.72
CA CYS A 32 -3.01 21.31 -23.02
C CYS A 32 -2.96 21.63 -21.55
N MET A 33 -1.96 21.02 -20.90
CA MET A 33 -1.74 21.30 -19.48
C MET A 33 -1.46 22.80 -19.25
N THR A 34 -0.71 23.43 -20.17
CA THR A 34 -0.43 24.84 -20.06
C THR A 34 -1.69 25.71 -20.18
N ALA A 35 -2.57 25.31 -21.10
CA ALA A 35 -3.84 26.04 -21.30
C ALA A 35 -4.87 25.90 -20.20
N SER A 36 -4.68 24.87 -19.39
CA SER A 36 -5.57 24.54 -18.31
C SER A 36 -5.40 25.52 -17.15
N SER A 37 -6.29 25.38 -16.19
CA SER A 37 -6.21 26.29 -15.07
C SER A 37 -5.32 25.79 -13.96
N SER A 38 -4.59 24.71 -14.20
CA SER A 38 -3.65 24.28 -13.18
C SER A 38 -2.62 25.33 -12.86
N GLY A 39 -2.10 25.26 -11.66
CA GLY A 39 -1.06 26.16 -11.22
C GLY A 39 0.34 25.94 -11.79
N ALA A 40 0.56 24.71 -12.17
CA ALA A 40 1.83 24.29 -12.78
C ALA A 40 1.61 23.03 -13.59
N LEU A 41 2.70 22.56 -14.23
CA LEU A 41 2.70 21.28 -14.92
C LEU A 41 4.05 20.64 -14.77
N VAL A 42 4.02 19.34 -14.87
CA VAL A 42 5.24 18.49 -14.90
C VAL A 42 5.27 17.62 -16.14
N SER A 43 6.44 17.52 -16.78
CA SER A 43 6.58 16.62 -17.98
C SER A 43 6.71 15.16 -17.60
N LYS A 44 6.43 14.24 -18.51
CA LYS A 44 6.59 12.82 -18.34
C LYS A 44 8.03 12.51 -17.93
N SER A 45 8.18 11.62 -16.97
CA SER A 45 9.53 11.13 -16.58
C SER A 45 10.21 10.64 -17.86
N CYS A 46 11.43 11.13 -18.07
CA CYS A 46 12.14 10.79 -19.29
C CYS A 46 13.46 10.06 -19.06
N THR A 47 13.85 9.45 -20.17
CA THR A 47 15.11 8.73 -20.31
C THR A 47 15.91 9.46 -21.41
N SER A 48 17.20 9.12 -21.49
CA SER A 48 18.07 9.72 -22.46
C SER A 48 17.58 9.48 -23.88
N ALA A 49 17.18 8.26 -24.15
CA ALA A 49 16.61 7.85 -25.45
C ALA A 49 15.10 7.75 -25.40
N PRO A 50 14.45 7.98 -26.50
CA PRO A 50 13.01 7.74 -26.55
C PRO A 50 12.72 6.27 -26.23
N ARG A 51 11.55 6.02 -25.63
CA ARG A 51 11.06 4.69 -25.32
C ARG A 51 9.61 4.50 -25.74
N ASP A 52 9.32 3.32 -26.32
CA ASP A 52 7.94 2.97 -26.68
C ASP A 52 7.15 2.48 -25.45
N GLY A 53 7.84 2.07 -24.43
CA GLY A 53 7.17 1.50 -23.28
C GLY A 53 6.70 0.09 -23.48
N ASN A 54 5.87 -0.39 -22.52
CA ASN A 54 5.38 -1.76 -22.53
C ASN A 54 4.19 -1.97 -23.46
N PRO A 55 3.94 -3.23 -23.77
CA PRO A 55 2.77 -3.51 -24.57
C PRO A 55 1.46 -3.18 -23.90
N GLU A 56 0.48 -2.86 -24.72
CA GLU A 56 -0.87 -2.50 -24.28
C GLU A 56 -1.73 -3.76 -24.20
N PRO A 57 -2.76 -3.75 -23.33
CA PRO A 57 -3.12 -2.67 -22.41
C PRO A 57 -2.15 -2.55 -21.24
N ARG A 58 -1.85 -1.29 -20.89
CA ARG A 58 -0.87 -1.08 -19.83
C ARG A 58 -1.38 -0.10 -18.78
N TYR A 59 -2.55 0.46 -18.94
CA TYR A 59 -3.28 1.30 -17.99
C TYR A 59 -4.73 0.94 -18.09
N MET A 60 -5.33 0.78 -16.89
CA MET A 60 -6.76 0.65 -16.77
C MET A 60 -7.26 1.36 -15.56
N ALA A 61 -8.48 1.88 -15.68
CA ALA A 61 -9.09 2.58 -14.57
C ALA A 61 -10.51 2.10 -14.28
N PHE A 62 -10.87 2.25 -13.00
CA PHE A 62 -12.08 1.68 -12.42
C PHE A 62 -12.58 2.66 -11.36
N PRO A 63 -13.78 2.39 -10.79
CA PRO A 63 -14.32 3.34 -9.85
C PRO A 63 -13.44 3.79 -8.68
N LEU A 64 -12.62 2.88 -8.20
CA LEU A 64 -11.77 3.19 -7.05
C LEU A 64 -10.34 3.59 -7.41
N GLY A 65 -9.99 3.56 -8.69
CA GLY A 65 -8.63 4.03 -9.09
C GLY A 65 -8.13 3.36 -10.33
N SER A 66 -6.82 3.21 -10.42
CA SER A 66 -6.20 2.83 -11.64
C SER A 66 -4.99 1.89 -11.30
N ILE A 67 -4.58 1.18 -12.31
CA ILE A 67 -3.37 0.35 -12.31
C ILE A 67 -2.62 0.58 -13.59
N ASN A 68 -1.29 0.63 -13.50
CA ASN A 68 -0.52 0.91 -14.71
C ASN A 68 0.81 0.17 -14.59
N SER A 69 1.29 -0.25 -15.75
CA SER A 69 2.66 -0.69 -15.96
C SER A 69 3.11 -0.13 -17.28
N MET A 70 3.21 1.19 -17.36
CA MET A 70 3.45 1.86 -18.63
C MET A 70 4.82 1.50 -19.22
N GLY A 71 5.85 1.34 -18.36
CA GLY A 71 7.21 1.07 -18.84
C GLY A 71 7.96 2.28 -19.32
N LEU A 72 7.64 3.45 -18.82
CA LEU A 72 8.30 4.66 -19.17
C LEU A 72 8.32 4.99 -20.67
N PRO A 73 7.20 4.96 -21.33
CA PRO A 73 7.09 5.48 -22.70
C PRO A 73 7.33 6.98 -22.65
N ASN A 74 8.25 7.51 -23.47
CA ASN A 74 8.52 8.95 -23.46
C ASN A 74 9.27 9.34 -24.74
N LEU A 75 9.27 10.60 -25.01
CA LEU A 75 9.92 11.15 -26.22
C LEU A 75 11.41 11.36 -26.13
N GLY A 76 12.00 11.07 -25.00
CA GLY A 76 13.45 11.23 -24.83
C GLY A 76 13.70 12.57 -24.23
N PHE A 77 14.83 12.66 -23.51
CA PHE A 77 15.26 13.85 -22.85
C PHE A 77 15.40 15.02 -23.77
N ASP A 78 15.96 14.84 -24.95
CA ASP A 78 16.18 15.97 -25.75
C ASP A 78 14.90 16.72 -26.11
N PHE A 79 13.81 15.99 -26.34
CA PHE A 79 12.48 16.61 -26.49
C PHE A 79 12.00 17.44 -25.30
N TYR A 80 12.11 16.85 -24.12
CA TYR A 80 11.60 17.58 -22.96
C TYR A 80 12.48 18.80 -22.63
N LEU A 81 13.79 18.67 -22.89
CA LEU A 81 14.70 19.82 -22.72
C LEU A 81 14.41 20.93 -23.70
N LYS A 82 14.09 20.58 -24.94
CA LYS A 82 13.69 21.57 -25.94
C LYS A 82 12.38 22.26 -25.56
N TYR A 83 11.45 21.48 -25.03
CA TYR A 83 10.21 22.07 -24.61
C TYR A 83 10.49 23.11 -23.54
N ALA A 84 11.36 22.74 -22.61
CA ALA A 84 11.69 23.66 -21.54
C ALA A 84 12.41 24.92 -21.99
N SER A 85 13.33 24.73 -22.91
CA SER A 85 14.18 25.81 -23.27
C SER A 85 13.57 26.70 -24.36
N ASP A 86 12.77 26.13 -25.26
CA ASP A 86 12.26 26.88 -26.36
C ASP A 86 10.73 26.99 -26.51
N LEU A 87 9.95 26.08 -25.96
CA LEU A 87 8.54 26.04 -26.30
C LEU A 87 7.64 26.52 -25.22
N HIS A 88 7.95 26.19 -23.96
CA HIS A 88 7.05 26.50 -22.85
C HIS A 88 6.95 28.02 -22.64
N ASP A 89 5.70 28.46 -22.38
CA ASP A 89 5.40 29.81 -22.03
C ASP A 89 5.38 29.97 -20.53
N TYR A 90 6.49 30.40 -19.98
CA TYR A 90 6.68 30.60 -18.54
C TYR A 90 5.81 31.76 -18.00
N SER A 91 5.29 32.57 -18.88
CA SER A 91 4.36 33.61 -18.37
C SER A 91 3.02 32.97 -17.96
N LYS A 92 2.73 31.77 -18.39
CA LYS A 92 1.47 31.14 -18.08
C LYS A 92 1.52 30.39 -16.72
N LYS A 93 2.58 29.62 -16.48
CA LYS A 93 2.77 28.93 -15.27
C LYS A 93 4.15 28.28 -15.23
N PRO A 94 4.60 27.90 -14.04
CA PRO A 94 5.86 27.16 -13.95
C PRO A 94 5.82 25.77 -14.45
N LEU A 95 7.01 25.31 -14.92
CA LEU A 95 7.22 23.94 -15.45
C LEU A 95 8.21 23.19 -14.59
N PHE A 96 7.83 21.98 -14.26
CA PHE A 96 8.72 20.96 -13.73
C PHE A 96 9.05 19.96 -14.83
N LEU A 97 10.32 19.45 -14.86
CA LEU A 97 10.73 18.42 -15.75
C LEU A 97 11.09 17.24 -14.93
N SER A 98 10.48 16.07 -15.15
CA SER A 98 10.79 14.88 -14.40
C SER A 98 11.72 14.02 -15.15
N ILE A 99 12.75 13.51 -14.46
CA ILE A 99 13.67 12.57 -15.07
C ILE A 99 13.66 11.23 -14.37
N SER A 100 13.86 10.14 -15.13
CA SER A 100 13.87 8.82 -14.55
C SER A 100 14.83 7.93 -15.33
N GLY A 101 16.10 8.31 -15.34
CA GLY A 101 17.15 7.45 -15.89
C GLY A 101 17.20 6.08 -15.28
N LEU A 102 17.67 5.17 -16.11
CA LEU A 102 17.73 3.76 -15.78
C LEU A 102 19.01 3.37 -15.05
N SER A 103 19.93 4.31 -14.89
CA SER A 103 21.11 4.16 -14.11
C SER A 103 21.49 5.51 -13.52
N VAL A 104 22.39 5.54 -12.55
CA VAL A 104 22.84 6.82 -12.01
C VAL A 104 23.54 7.65 -13.10
N GLU A 105 24.32 6.97 -13.94
CA GLU A 105 25.02 7.67 -14.98
C GLU A 105 24.10 8.38 -15.97
N GLU A 106 23.00 7.73 -16.30
CA GLU A 106 22.02 8.30 -17.23
C GLU A 106 21.39 9.55 -16.59
N ASN A 107 21.08 9.48 -15.33
CA ASN A 107 20.54 10.67 -14.66
C ASN A 107 21.56 11.80 -14.63
N VAL A 108 22.82 11.45 -14.36
CA VAL A 108 23.84 12.47 -14.29
C VAL A 108 23.98 13.18 -15.63
N ALA A 109 23.95 12.41 -16.69
CA ALA A 109 24.08 12.98 -17.98
C ALA A 109 22.99 13.96 -18.36
N MET A 110 21.76 13.62 -17.94
CA MET A 110 20.63 14.48 -18.23
C MET A 110 20.73 15.72 -17.39
N VAL A 111 20.95 15.58 -16.06
CA VAL A 111 20.93 16.82 -15.22
C VAL A 111 22.07 17.80 -15.53
N ARG A 112 23.19 17.21 -15.98
CA ARG A 112 24.23 18.13 -16.50
C ARG A 112 23.82 19.04 -17.58
N ARG A 113 23.02 18.54 -18.53
CA ARG A 113 22.51 19.31 -19.62
C ARG A 113 21.24 20.13 -19.27
N LEU A 114 20.51 19.70 -18.26
CA LEU A 114 19.37 20.51 -17.78
C LEU A 114 19.76 21.75 -17.01
N ALA A 115 20.89 21.69 -16.32
CA ALA A 115 21.29 22.78 -15.42
C ALA A 115 21.23 24.13 -16.09
N PRO A 116 21.89 24.36 -17.19
CA PRO A 116 21.88 25.71 -17.74
C PRO A 116 20.49 26.26 -18.15
N VAL A 117 19.63 25.34 -18.53
CA VAL A 117 18.27 25.68 -18.86
C VAL A 117 17.49 25.98 -17.60
N ALA A 118 17.69 25.21 -16.57
CA ALA A 118 17.12 25.54 -15.26
C ALA A 118 17.52 26.87 -14.79
N GLN A 119 18.81 27.19 -14.87
CA GLN A 119 19.28 28.48 -14.43
C GLN A 119 18.74 29.61 -15.31
N GLU A 120 18.67 29.52 -16.63
CA GLU A 120 18.22 30.58 -17.47
C GLU A 120 16.72 30.73 -17.59
N LYS A 121 15.99 29.60 -17.64
CA LYS A 121 14.54 29.67 -17.85
C LYS A 121 13.69 29.38 -16.61
N GLY A 122 14.27 28.76 -15.63
CA GLY A 122 13.61 28.52 -14.31
C GLY A 122 12.82 27.20 -14.29
N VAL A 123 13.01 26.33 -15.29
CA VAL A 123 12.45 24.97 -15.14
C VAL A 123 12.95 24.28 -13.94
N LEU A 124 12.07 23.56 -13.23
CA LEU A 124 12.36 22.84 -12.04
C LEU A 124 12.49 21.37 -12.18
N LEU A 125 13.55 20.76 -11.67
CA LEU A 125 13.78 19.34 -11.77
C LEU A 125 13.05 18.53 -10.72
N GLU A 126 12.31 17.47 -11.11
CA GLU A 126 11.76 16.43 -10.22
C GLU A 126 12.47 15.11 -10.59
N LEU A 127 13.29 14.61 -9.71
CA LEU A 127 14.00 13.36 -9.95
C LEU A 127 13.17 12.20 -9.45
N ASN A 128 12.77 11.25 -10.34
CA ASN A 128 11.96 10.14 -9.97
C ASN A 128 12.77 9.01 -9.39
N LEU A 129 12.66 8.81 -8.09
CA LEU A 129 13.42 7.74 -7.48
C LEU A 129 12.67 6.43 -7.39
N SER A 130 11.42 6.44 -7.83
CA SER A 130 10.56 5.30 -7.63
C SER A 130 10.58 4.66 -8.91
N CYS A 131 11.72 4.11 -9.16
CA CYS A 131 12.09 3.71 -10.40
C CYS A 131 13.17 2.56 -10.41
N PRO A 132 13.04 1.73 -11.53
CA PRO A 132 14.07 0.71 -11.71
C PRO A 132 15.56 1.02 -11.65
N ASN A 133 16.24 0.16 -10.94
CA ASN A 133 17.68 0.09 -10.96
C ASN A 133 18.05 -1.25 -11.55
N VAL A 134 18.97 -1.97 -10.94
CA VAL A 134 19.36 -3.25 -11.49
C VAL A 134 18.19 -4.20 -11.38
N PRO A 135 17.80 -4.88 -12.45
CA PRO A 135 16.71 -5.84 -12.19
C PRO A 135 17.07 -6.97 -11.19
N GLY A 136 16.14 -7.38 -10.36
CA GLY A 136 16.34 -8.17 -9.18
C GLY A 136 16.64 -7.48 -7.90
N LYS A 137 16.84 -6.15 -8.00
CA LYS A 137 16.99 -5.34 -6.84
C LYS A 137 15.68 -4.48 -6.78
N PRO A 138 15.41 -4.04 -5.57
CA PRO A 138 14.23 -3.11 -5.41
C PRO A 138 14.39 -1.84 -6.12
N GLN A 139 13.30 -1.13 -6.34
CA GLN A 139 13.34 0.19 -6.92
C GLN A 139 14.31 1.07 -6.09
N VAL A 140 14.87 2.11 -6.75
CA VAL A 140 15.92 2.86 -6.18
C VAL A 140 15.57 3.39 -4.73
N ALA A 141 14.37 3.93 -4.54
CA ALA A 141 14.02 4.52 -3.26
C ALA A 141 13.66 3.47 -2.17
N TYR A 142 13.64 2.21 -2.57
CA TYR A 142 13.53 1.11 -1.65
C TYR A 142 14.91 0.51 -1.35
N ASP A 143 15.96 1.10 -1.91
CA ASP A 143 17.35 0.67 -1.68
C ASP A 143 18.13 1.91 -1.18
N PHE A 144 18.21 2.07 0.12
CA PHE A 144 18.66 3.32 0.68
C PHE A 144 20.10 3.67 0.28
N GLU A 145 20.93 2.66 0.15
CA GLU A 145 22.26 2.94 -0.35
C GLU A 145 22.28 3.43 -1.77
N ALA A 146 21.46 2.85 -2.62
CA ALA A 146 21.38 3.35 -3.97
C ALA A 146 20.80 4.75 -4.03
N MET A 147 19.81 4.98 -3.19
CA MET A 147 19.19 6.28 -3.16
C MET A 147 20.22 7.34 -2.78
N ARG A 148 21.02 7.02 -1.79
CA ARG A 148 22.03 8.00 -1.38
C ARG A 148 23.01 8.26 -2.51
N THR A 149 23.45 7.20 -3.20
CA THR A 149 24.37 7.37 -4.38
C THR A 149 23.74 8.22 -5.45
N TYR A 150 22.48 7.98 -5.77
CA TYR A 150 21.85 8.79 -6.79
C TYR A 150 21.81 10.25 -6.36
N LEU A 151 21.39 10.54 -5.15
CA LEU A 151 21.31 11.87 -4.66
C LEU A 151 22.66 12.61 -4.59
N GLN A 152 23.71 11.88 -4.18
CA GLN A 152 25.05 12.49 -4.17
C GLN A 152 25.50 12.84 -5.60
N GLN A 153 25.27 11.95 -6.54
CA GLN A 153 25.70 12.17 -7.90
C GLN A 153 24.90 13.20 -8.60
N VAL A 154 23.59 13.21 -8.44
CA VAL A 154 22.83 14.23 -9.06
C VAL A 154 23.08 15.59 -8.42
N SER A 155 23.23 15.63 -7.10
CA SER A 155 23.50 16.94 -6.48
C SER A 155 24.80 17.54 -7.02
N LEU A 156 25.84 16.73 -7.11
CA LEU A 156 27.14 17.21 -7.63
C LEU A 156 27.02 17.62 -9.09
N ALA A 157 26.28 16.92 -9.92
CA ALA A 157 26.17 17.16 -11.34
C ALA A 157 25.31 18.31 -11.70
N TYR A 158 24.28 18.52 -10.87
CA TYR A 158 23.32 19.53 -11.17
C TYR A 158 23.60 20.88 -10.53
N GLY A 159 23.83 20.85 -9.23
CA GLY A 159 24.33 22.00 -8.49
C GLY A 159 23.30 23.08 -8.21
N LEU A 160 21.99 22.75 -8.36
CA LEU A 160 20.88 23.68 -8.23
C LEU A 160 19.79 22.95 -7.42
N PRO A 161 18.89 23.75 -6.81
CA PRO A 161 17.77 23.14 -6.03
C PRO A 161 16.97 22.26 -6.99
N PHE A 162 16.58 21.10 -6.47
CA PHE A 162 15.69 20.17 -7.17
C PHE A 162 14.78 19.51 -6.19
N GLY A 163 13.88 18.67 -6.71
CA GLY A 163 13.04 17.84 -5.87
C GLY A 163 13.07 16.39 -6.26
N VAL A 164 12.49 15.55 -5.43
CA VAL A 164 12.46 14.13 -5.65
C VAL A 164 11.04 13.56 -5.53
N LYS A 165 10.71 12.64 -6.38
CA LYS A 165 9.38 11.92 -6.37
C LYS A 165 9.65 10.56 -5.66
N MET A 166 8.94 10.29 -4.57
CA MET A 166 9.14 9.12 -3.69
C MET A 166 8.01 8.15 -3.82
N PRO A 167 8.29 6.84 -3.77
CA PRO A 167 7.28 5.84 -3.58
C PRO A 167 6.73 5.94 -2.16
N PRO A 168 5.59 5.35 -1.91
CA PRO A 168 5.12 5.25 -0.58
C PRO A 168 5.93 4.26 0.26
N TYR A 169 6.02 4.58 1.54
CA TYR A 169 6.52 3.65 2.57
C TYR A 169 5.40 3.21 3.53
N PHE A 170 5.62 2.15 4.25
CA PHE A 170 4.61 1.52 5.04
C PHE A 170 5.04 1.19 6.50
N ASP A 171 6.26 1.54 6.81
CA ASP A 171 6.88 1.16 8.08
C ASP A 171 7.55 2.44 8.60
N ILE A 172 7.39 2.68 9.89
CA ILE A 172 7.95 3.92 10.53
C ILE A 172 9.46 3.94 10.42
N ALA A 173 10.09 2.77 10.48
CA ALA A 173 11.56 2.73 10.41
C ALA A 173 11.99 3.20 9.05
N HIS A 174 11.19 2.87 8.03
CA HIS A 174 11.43 3.38 6.68
C HIS A 174 11.21 4.89 6.49
N PHE A 175 10.17 5.41 7.12
CA PHE A 175 9.96 6.83 7.04
C PHE A 175 11.23 7.49 7.64
N ASP A 176 11.68 6.96 8.76
CA ASP A 176 12.79 7.57 9.43
C ASP A 176 14.05 7.51 8.61
N THR A 177 14.34 6.37 8.04
CA THR A 177 15.55 6.23 7.25
C THR A 177 15.47 7.06 5.99
N ALA A 178 14.34 6.99 5.33
CA ALA A 178 14.25 7.69 4.06
C ALA A 178 14.39 9.19 4.25
N ALA A 179 13.73 9.74 5.24
CA ALA A 179 13.89 11.14 5.50
C ALA A 179 15.25 11.55 5.90
N ALA A 180 15.89 10.73 6.68
CA ALA A 180 17.29 10.98 7.10
C ALA A 180 18.17 11.01 5.86
N VAL A 181 18.00 10.11 4.87
CA VAL A 181 18.78 10.19 3.64
C VAL A 181 18.52 11.49 2.95
N LEU A 182 17.24 11.89 2.72
CA LEU A 182 16.93 13.12 2.02
C LEU A 182 17.52 14.35 2.73
N ASN A 183 17.52 14.33 4.05
CA ASN A 183 18.04 15.43 4.81
C ASN A 183 19.60 15.60 4.75
N GLU A 184 20.25 14.61 4.21
CA GLU A 184 21.69 14.74 3.89
C GLU A 184 21.97 15.67 2.72
N PHE A 185 20.94 16.02 1.93
CA PHE A 185 21.09 16.70 0.69
C PHE A 185 20.39 18.05 0.67
N PRO A 186 21.08 19.16 0.96
CA PRO A 186 20.49 20.46 1.04
C PRO A 186 19.89 20.96 -0.30
N LEU A 187 20.35 20.44 -1.42
CA LEU A 187 19.73 20.82 -2.69
C LEU A 187 18.37 20.20 -2.96
N VAL A 188 18.03 19.22 -2.16
CA VAL A 188 16.68 18.64 -2.31
C VAL A 188 15.72 19.51 -1.56
N LYS A 189 15.03 20.33 -2.30
CA LYS A 189 14.18 21.33 -1.71
C LYS A 189 12.73 20.97 -1.67
N PHE A 190 12.31 20.01 -2.41
CA PHE A 190 10.92 19.47 -2.31
C PHE A 190 10.93 17.98 -2.47
N VAL A 191 9.91 17.37 -1.84
CA VAL A 191 9.73 15.90 -1.80
C VAL A 191 8.28 15.63 -2.22
N THR A 192 8.05 14.92 -3.32
CA THR A 192 6.67 14.67 -3.78
C THR A 192 6.34 13.25 -3.34
N CYS A 193 5.31 13.18 -2.46
CA CYS A 193 4.82 11.97 -1.87
C CYS A 193 3.36 11.83 -2.32
N VAL A 194 2.99 10.84 -3.13
CA VAL A 194 3.71 9.61 -3.43
C VAL A 194 3.50 9.18 -4.88
N ASN A 195 4.41 8.34 -5.36
CA ASN A 195 4.21 7.66 -6.61
C ASN A 195 3.20 6.52 -6.33
N SER A 196 2.94 5.72 -7.33
CA SER A 196 1.93 4.70 -7.19
C SER A 196 2.24 3.66 -6.12
N VAL A 197 1.21 3.05 -5.57
CA VAL A 197 1.43 1.95 -4.66
C VAL A 197 1.76 0.68 -5.51
N GLY A 198 2.98 0.22 -5.31
CA GLY A 198 3.58 -0.72 -6.23
C GLY A 198 3.00 -2.07 -6.29
N ASN A 199 2.96 -2.59 -7.50
CA ASN A 199 2.68 -4.00 -7.77
C ASN A 199 1.45 -4.51 -7.12
N GLY A 200 0.38 -3.79 -7.31
CA GLY A 200 -0.92 -4.30 -7.04
C GLY A 200 -1.39 -5.23 -8.19
N LEU A 201 -2.58 -5.80 -8.09
CA LEU A 201 -3.08 -6.76 -9.09
C LEU A 201 -4.59 -6.62 -9.14
N VAL A 202 -5.09 -6.12 -10.26
CA VAL A 202 -6.56 -6.03 -10.46
C VAL A 202 -6.96 -7.24 -11.34
N ILE A 203 -8.00 -7.92 -10.88
CA ILE A 203 -8.57 -9.02 -11.62
C ILE A 203 -10.03 -8.75 -11.92
N ASP A 204 -10.42 -9.02 -13.15
CA ASP A 204 -11.78 -8.86 -13.59
C ASP A 204 -12.53 -10.21 -13.40
N ALA A 205 -13.57 -10.18 -12.62
CA ALA A 205 -14.27 -11.39 -12.31
C ALA A 205 -14.95 -12.08 -13.47
N GLU A 206 -15.54 -11.32 -14.38
CA GLU A 206 -16.27 -11.93 -15.49
C GLU A 206 -15.32 -12.74 -16.37
N SER A 207 -14.19 -12.13 -16.69
CA SER A 207 -13.30 -12.73 -17.62
C SER A 207 -12.25 -13.58 -16.96
N GLU A 208 -12.16 -13.45 -15.66
CA GLU A 208 -11.24 -14.22 -14.85
C GLU A 208 -9.80 -13.92 -15.19
N SER A 209 -9.60 -12.70 -15.64
CA SER A 209 -8.34 -12.27 -16.18
C SER A 209 -7.79 -10.98 -15.52
N VAL A 210 -6.48 -10.89 -15.47
CA VAL A 210 -5.86 -9.63 -15.16
C VAL A 210 -6.19 -8.62 -16.28
N VAL A 211 -6.01 -7.34 -15.98
CA VAL A 211 -6.52 -6.27 -16.85
C VAL A 211 -5.44 -5.51 -17.61
N ILE A 212 -4.18 -5.74 -17.21
CA ILE A 212 -3.05 -5.20 -17.97
C ILE A 212 -2.11 -6.33 -18.37
N LYS A 213 -1.50 -6.15 -19.52
CA LYS A 213 -0.64 -7.14 -20.13
C LYS A 213 0.78 -7.28 -19.53
N PRO A 214 1.50 -6.21 -19.26
CA PRO A 214 2.85 -6.42 -18.73
C PRO A 214 2.83 -7.06 -17.37
N LYS A 215 3.94 -7.69 -17.00
CA LYS A 215 4.20 -8.16 -15.60
C LYS A 215 3.07 -9.03 -15.09
N GLN A 216 2.47 -9.85 -15.94
CA GLN A 216 1.42 -10.80 -15.51
C GLN A 216 0.27 -10.06 -14.79
N GLY A 217 0.03 -8.81 -15.18
CA GLY A 217 -1.03 -8.03 -14.61
C GLY A 217 -0.67 -7.16 -13.42
N PHE A 218 0.55 -7.25 -12.87
CA PHE A 218 0.97 -6.46 -11.72
C PHE A 218 1.33 -5.04 -12.18
N GLY A 219 0.90 -4.07 -11.41
CA GLY A 219 1.18 -2.72 -11.72
C GLY A 219 0.93 -1.76 -10.58
N GLY A 220 1.35 -0.52 -10.78
CA GLY A 220 1.20 0.45 -9.73
C GLY A 220 -0.21 1.01 -9.61
N LEU A 221 -0.69 1.21 -8.37
CA LEU A 221 -2.07 1.63 -8.12
C LEU A 221 -2.06 3.09 -7.83
N GLY A 222 -3.07 3.74 -8.34
CA GLY A 222 -3.41 5.12 -8.03
C GLY A 222 -4.90 5.26 -7.76
N GLY A 223 -5.24 6.45 -7.35
CA GLY A 223 -6.60 6.83 -7.18
C GLY A 223 -7.13 6.67 -5.74
N LYS A 224 -8.42 6.37 -5.62
CA LYS A 224 -9.10 6.28 -4.31
C LYS A 224 -8.49 5.25 -3.41
N TYR A 225 -7.94 4.16 -3.98
CA TYR A 225 -7.23 3.18 -3.16
C TYR A 225 -6.16 3.79 -2.26
N ILE A 226 -5.47 4.82 -2.73
CA ILE A 226 -4.22 5.16 -2.13
C ILE A 226 -4.24 6.45 -1.33
N LEU A 227 -5.39 7.12 -1.14
CA LEU A 227 -5.43 8.43 -0.47
C LEU A 227 -4.87 8.35 0.96
N PRO A 228 -5.32 7.42 1.82
CA PRO A 228 -4.73 7.39 3.20
C PRO A 228 -3.22 7.06 3.19
N THR A 229 -2.72 6.26 2.25
CA THR A 229 -1.28 5.98 2.13
C THR A 229 -0.59 7.31 1.77
N ALA A 230 -1.16 8.02 0.79
CA ALA A 230 -0.56 9.28 0.33
C ALA A 230 -0.47 10.27 1.47
N LEU A 231 -1.59 10.46 2.22
CA LEU A 231 -1.64 11.38 3.31
C LEU A 231 -0.56 11.06 4.33
N ALA A 232 -0.45 9.76 4.69
CA ALA A 232 0.52 9.33 5.67
C ALA A 232 1.93 9.75 5.24
N ASN A 233 2.22 9.51 3.98
CA ASN A 233 3.57 9.84 3.50
C ASN A 233 3.84 11.30 3.51
N VAL A 234 2.87 12.06 3.02
CA VAL A 234 3.00 13.52 3.03
C VAL A 234 3.31 13.93 4.47
N ASN A 235 2.48 13.50 5.40
CA ASN A 235 2.63 14.01 6.80
C ASN A 235 3.95 13.52 7.40
N ALA A 236 4.31 12.25 7.12
CA ALA A 236 5.55 11.67 7.66
C ALA A 236 6.75 12.51 7.20
N PHE A 237 6.85 12.86 5.91
CA PHE A 237 7.97 13.65 5.44
C PHE A 237 7.87 15.07 5.88
N TYR A 238 6.66 15.61 5.96
CA TYR A 238 6.43 16.97 6.46
C TYR A 238 6.98 17.16 7.83
N ARG A 239 6.70 16.18 8.67
CA ARG A 239 7.23 16.20 10.08
C ARG A 239 8.76 16.01 10.07
N ARG A 240 9.32 15.21 9.23
CA ARG A 240 10.76 14.77 9.32
C ARG A 240 11.66 15.67 8.54
N CYS A 241 11.11 16.43 7.63
CA CYS A 241 11.93 17.31 6.76
C CYS A 241 11.58 18.75 6.86
N PRO A 242 11.89 19.35 7.99
CA PRO A 242 11.37 20.70 8.25
C PRO A 242 12.04 21.80 7.32
N ASP A 243 13.16 21.58 6.72
CA ASP A 243 13.74 22.54 5.77
C ASP A 243 13.40 22.27 4.33
N LYS A 244 12.43 21.36 4.04
CA LYS A 244 12.03 21.08 2.70
C LYS A 244 10.54 21.29 2.57
N LEU A 245 10.09 21.48 1.35
CA LEU A 245 8.64 21.48 0.98
C LEU A 245 8.24 20.05 0.71
N VAL A 246 6.93 19.70 0.91
CA VAL A 246 6.37 18.44 0.48
C VAL A 246 5.25 18.72 -0.48
N PHE A 247 5.25 18.04 -1.61
CA PHE A 247 4.17 18.12 -2.53
C PHE A 247 3.37 16.85 -2.39
N GLY A 248 2.04 16.96 -2.39
CA GLY A 248 1.25 15.80 -2.22
C GLY A 248 0.77 15.25 -3.54
N CYS A 249 0.72 13.94 -3.66
CA CYS A 249 0.20 13.22 -4.85
C CYS A 249 -0.44 11.94 -4.37
N GLY A 250 -1.68 11.66 -4.76
CA GLY A 250 -2.34 10.39 -4.55
C GLY A 250 -3.75 10.56 -4.09
N GLY A 251 -4.64 10.01 -4.89
CA GLY A 251 -6.05 9.94 -4.47
C GLY A 251 -6.80 11.21 -4.54
N VAL A 252 -6.30 12.26 -5.22
CA VAL A 252 -7.07 13.54 -5.29
C VAL A 252 -8.12 13.47 -6.39
N TYR A 253 -9.39 13.52 -5.95
CA TYR A 253 -10.51 13.67 -6.87
C TYR A 253 -11.35 14.87 -6.58
N SER A 254 -11.11 15.55 -5.49
CA SER A 254 -11.96 16.65 -5.10
C SER A 254 -11.18 17.68 -4.31
N GLY A 255 -11.79 18.84 -4.16
CA GLY A 255 -11.20 19.87 -3.33
C GLY A 255 -11.02 19.40 -1.88
N GLU A 256 -11.93 18.57 -1.41
CA GLU A 256 -11.78 18.04 -0.09
C GLU A 256 -10.55 17.17 0.04
N ASP A 257 -10.31 16.37 -0.99
CA ASP A 257 -9.12 15.53 -0.94
C ASP A 257 -7.86 16.40 -0.90
N ALA A 258 -7.92 17.45 -1.70
CA ALA A 258 -6.81 18.36 -1.75
C ALA A 258 -6.61 19.07 -0.42
N PHE A 259 -7.71 19.47 0.21
CA PHE A 259 -7.64 20.08 1.52
C PHE A 259 -6.98 19.15 2.57
N LEU A 260 -7.30 17.86 2.51
CA LEU A 260 -6.66 16.89 3.40
C LEU A 260 -5.16 16.84 3.12
N HIS A 261 -4.73 16.73 1.87
CA HIS A 261 -3.32 16.81 1.55
C HIS A 261 -2.64 18.00 2.16
N ILE A 262 -3.27 19.16 2.03
CA ILE A 262 -2.70 20.39 2.47
C ILE A 262 -2.62 20.42 4.01
N LEU A 263 -3.65 19.96 4.68
CA LEU A 263 -3.66 19.77 6.17
C LEU A 263 -2.52 18.87 6.63
N ALA A 264 -2.23 17.88 5.81
CA ALA A 264 -1.13 16.97 6.08
C ALA A 264 0.26 17.57 5.88
N GLY A 265 0.32 18.65 5.13
CA GLY A 265 1.60 19.31 4.89
C GLY A 265 1.94 19.69 3.45
N ALA A 266 1.07 19.27 2.55
CA ALA A 266 1.33 19.55 1.15
C ALA A 266 1.36 21.05 0.77
N SER A 267 2.31 21.38 -0.09
CA SER A 267 2.36 22.70 -0.75
C SER A 267 1.66 22.57 -2.11
N MET A 268 2.32 22.01 -3.09
CA MET A 268 1.62 21.70 -4.34
C MET A 268 0.85 20.39 -4.15
N VAL A 269 -0.22 20.19 -4.91
CA VAL A 269 -1.05 19.01 -4.91
C VAL A 269 -1.19 18.55 -6.35
N GLN A 270 -0.76 17.32 -6.59
CA GLN A 270 -0.68 16.75 -7.95
C GLN A 270 -1.90 15.79 -8.10
N VAL A 271 -2.35 15.64 -9.35
CA VAL A 271 -3.56 14.94 -9.76
C VAL A 271 -3.16 14.02 -10.92
N GLY A 272 -3.24 12.73 -10.66
CA GLY A 272 -2.92 11.62 -11.61
C GLY A 272 -4.18 11.03 -12.15
N THR A 273 -4.57 9.89 -11.58
CA THR A 273 -5.71 9.13 -12.05
C THR A 273 -6.94 9.98 -12.32
N ALA A 274 -7.31 10.84 -11.41
CA ALA A 274 -8.54 11.61 -11.62
C ALA A 274 -8.44 12.52 -12.86
N LEU A 275 -7.27 13.08 -13.14
CA LEU A 275 -7.01 13.90 -14.31
C LEU A 275 -7.02 13.03 -15.57
N GLN A 276 -6.40 11.88 -15.53
CA GLN A 276 -6.52 10.92 -16.61
C GLN A 276 -7.96 10.58 -16.97
N GLU A 277 -8.84 10.44 -15.98
CA GLU A 277 -10.20 10.01 -16.19
C GLU A 277 -11.09 11.19 -16.58
N GLU A 278 -10.94 12.36 -15.95
CA GLU A 278 -11.82 13.51 -16.19
C GLU A 278 -11.38 14.48 -17.24
N GLY A 279 -10.06 14.61 -17.42
CA GLY A 279 -9.49 15.60 -18.24
C GLY A 279 -9.24 16.89 -17.53
N PRO A 280 -8.65 17.84 -18.24
CA PRO A 280 -8.09 19.03 -17.61
C PRO A 280 -9.11 19.97 -17.02
N GLY A 281 -10.37 19.81 -17.40
CA GLY A 281 -11.43 20.52 -16.73
C GLY A 281 -11.49 20.30 -15.26
N ILE A 282 -10.85 19.23 -14.80
CA ILE A 282 -10.86 18.95 -13.36
C ILE A 282 -10.26 20.12 -12.59
N PHE A 283 -9.31 20.81 -13.14
CA PHE A 283 -8.66 21.88 -12.35
C PHE A 283 -9.55 23.01 -11.96
N THR A 284 -10.51 23.35 -12.79
CA THR A 284 -11.45 24.43 -12.38
C THR A 284 -12.34 23.94 -11.24
N ARG A 285 -12.80 22.72 -11.31
CA ARG A 285 -13.60 22.11 -10.28
C ARG A 285 -12.87 21.98 -9.00
N LEU A 286 -11.60 21.56 -9.02
CA LEU A 286 -10.87 21.41 -7.81
C LEU A 286 -10.65 22.76 -7.12
N GLU A 287 -10.36 23.72 -7.91
CA GLU A 287 -10.18 25.12 -7.39
C GLU A 287 -11.44 25.63 -6.72
N ASP A 288 -12.55 25.47 -7.41
CA ASP A 288 -13.84 25.90 -6.85
C ASP A 288 -14.16 25.20 -5.54
N GLU A 289 -13.98 23.89 -5.55
CA GLU A 289 -14.29 23.08 -4.38
C GLU A 289 -13.37 23.45 -3.17
N LEU A 290 -12.10 23.61 -3.42
CA LEU A 290 -11.21 23.97 -2.37
C LEU A 290 -11.57 25.38 -1.82
N LEU A 291 -11.87 26.32 -2.70
CA LEU A 291 -12.28 27.64 -2.26
C LEU A 291 -13.56 27.55 -1.45
N GLU A 292 -14.50 26.67 -1.80
CA GLU A 292 -15.73 26.58 -1.03
C GLU A 292 -15.46 26.09 0.39
N ILE A 293 -14.55 25.11 0.56
CA ILE A 293 -14.28 24.58 1.88
C ILE A 293 -13.57 25.66 2.67
N MET A 294 -12.59 26.34 2.08
CA MET A 294 -11.93 27.51 2.73
C MET A 294 -12.95 28.57 3.19
N ALA A 295 -13.92 28.86 2.37
CA ALA A 295 -14.94 29.92 2.72
C ALA A 295 -15.78 29.43 3.88
N ARG A 296 -16.14 28.17 3.94
CA ARG A 296 -16.98 27.66 5.02
C ARG A 296 -16.24 27.69 6.33
N LYS A 297 -14.94 27.51 6.29
CA LYS A 297 -14.10 27.45 7.46
C LYS A 297 -13.51 28.78 7.86
N GLY A 298 -13.70 29.80 7.06
CA GLY A 298 -13.08 31.07 7.31
C GLY A 298 -11.58 31.19 7.03
N TYR A 299 -11.03 30.32 6.18
CA TYR A 299 -9.62 30.39 5.81
C TYR A 299 -9.44 31.24 4.57
N ARG A 300 -8.49 32.16 4.64
CA ARG A 300 -8.24 33.06 3.52
C ARG A 300 -7.13 32.63 2.61
N THR A 301 -6.14 31.96 3.16
CA THR A 301 -4.95 31.53 2.43
C THR A 301 -4.60 30.07 2.78
N LEU A 302 -3.82 29.43 1.93
CA LEU A 302 -3.41 28.08 2.18
C LEU A 302 -2.49 27.93 3.42
N GLU A 303 -1.66 28.90 3.71
CA GLU A 303 -0.76 28.81 4.85
C GLU A 303 -1.48 28.75 6.18
N GLU A 304 -2.69 29.23 6.21
CA GLU A 304 -3.45 29.20 7.42
C GLU A 304 -3.70 27.80 7.92
N PHE A 305 -3.74 26.85 7.01
CA PHE A 305 -4.00 25.46 7.38
C PHE A 305 -2.99 24.41 6.96
N ARG A 306 -2.01 24.81 6.15
CA ARG A 306 -1.09 23.80 5.70
C ARG A 306 -0.33 23.18 6.85
N GLY A 307 -0.35 21.88 6.95
CA GLY A 307 0.39 21.15 7.97
C GLY A 307 -0.26 21.20 9.35
N ARG A 308 -1.48 21.72 9.44
CA ARG A 308 -2.19 21.97 10.70
C ARG A 308 -3.18 20.83 11.08
N VAL A 309 -3.06 19.65 10.45
CA VAL A 309 -3.79 18.46 10.92
C VAL A 309 -3.62 18.32 12.47
N LYS A 310 -4.76 18.12 13.09
CA LYS A 310 -4.83 17.94 14.53
C LYS A 310 -4.62 16.52 14.85
N THR A 311 -3.91 16.23 15.92
CA THR A 311 -3.88 14.91 16.53
C THR A 311 -4.73 14.82 17.76
N ILE A 312 -4.98 13.62 18.25
CA ILE A 312 -5.94 13.40 19.39
C ILE A 312 -5.15 13.32 20.65
N GLU A 313 -5.52 14.23 21.56
CA GLU A 313 -4.94 14.28 22.91
C GLU A 313 -3.44 14.15 22.82
N MET B 1 -24.79 -28.74 -4.54
CA MET B 1 -23.40 -28.11 -4.53
C MET B 1 -23.02 -27.49 -3.15
N CYS B 2 -21.83 -27.85 -2.66
CA CYS B 2 -21.37 -27.29 -1.36
C CYS B 2 -19.89 -26.94 -1.46
N LEU B 3 -19.41 -26.05 -0.56
CA LEU B 3 -18.04 -25.44 -0.59
C LEU B 3 -17.07 -26.16 0.26
N LYS B 4 -17.33 -27.39 0.75
CA LYS B 4 -16.47 -28.00 1.78
C LYS B 4 -15.13 -28.29 1.12
N LEU B 5 -14.02 -28.20 1.87
CA LEU B 5 -12.71 -28.56 1.43
C LEU B 5 -11.85 -29.17 2.52
N ASN B 6 -10.71 -29.78 2.18
CA ASN B 6 -9.80 -30.41 3.08
C ASN B 6 -8.49 -29.82 2.87
N LEU B 7 -7.85 -29.28 3.94
CA LEU B 7 -6.50 -28.70 3.92
C LEU B 7 -5.82 -28.98 5.25
N LEU B 8 -4.54 -29.15 5.23
CA LEU B 8 -3.76 -29.27 6.44
C LEU B 8 -4.31 -30.43 7.36
N ASP B 9 -4.82 -31.45 6.75
CA ASP B 9 -5.35 -32.63 7.48
C ASP B 9 -6.60 -32.32 8.28
N HIS B 10 -7.30 -31.26 7.86
CA HIS B 10 -8.54 -30.90 8.45
C HIS B 10 -9.62 -30.73 7.40
N VAL B 11 -10.87 -30.84 7.79
CA VAL B 11 -11.97 -30.62 6.88
C VAL B 11 -12.62 -29.29 7.27
N PHE B 12 -13.01 -28.52 6.22
CA PHE B 12 -13.61 -27.19 6.38
C PHE B 12 -14.92 -27.17 5.57
N ALA B 13 -15.95 -26.61 6.15
CA ALA B 13 -17.34 -26.58 5.54
C ALA B 13 -17.32 -25.63 4.33
N ASN B 14 -16.40 -24.67 4.36
CA ASN B 14 -16.31 -23.59 3.36
C ASN B 14 -14.96 -22.91 3.60
N PRO B 15 -14.50 -22.06 2.66
CA PRO B 15 -13.14 -21.49 2.80
C PRO B 15 -13.11 -20.22 3.68
N PHE B 16 -14.22 -19.78 4.25
CA PHE B 16 -14.23 -18.53 4.98
C PHE B 16 -13.90 -18.63 6.45
N MET B 17 -13.17 -17.64 6.90
CA MET B 17 -12.89 -17.44 8.32
C MET B 17 -12.72 -15.99 8.66
N ASN B 18 -12.69 -15.66 9.97
CA ASN B 18 -12.35 -14.31 10.36
C ASN B 18 -10.87 -14.09 10.08
N ALA B 19 -10.53 -12.85 9.89
CA ALA B 19 -9.14 -12.37 9.94
C ALA B 19 -8.71 -12.23 11.43
N ALA B 20 -7.46 -12.61 11.78
CA ALA B 20 -6.97 -12.43 13.07
C ALA B 20 -7.16 -11.04 13.56
N GLY B 21 -7.61 -10.91 14.80
CA GLY B 21 -7.87 -9.64 15.43
C GLY B 21 -9.32 -9.15 15.41
N VAL B 22 -10.12 -9.70 14.50
CA VAL B 22 -11.52 -9.34 14.39
C VAL B 22 -12.43 -10.45 14.96
N LEU B 23 -13.24 -10.10 15.92
CA LEU B 23 -14.22 -10.98 16.52
C LEU B 23 -13.60 -12.24 17.14
N CYS B 24 -12.49 -12.03 17.83
CA CYS B 24 -11.77 -13.19 18.30
C CYS B 24 -10.90 -13.01 19.53
N SER B 25 -11.20 -12.00 20.30
CA SER B 25 -10.34 -11.68 21.44
C SER B 25 -10.76 -12.28 22.75
N THR B 26 -12.04 -12.32 22.95
CA THR B 26 -12.57 -12.86 24.15
C THR B 26 -13.27 -14.22 23.96
N GLU B 27 -13.58 -14.87 25.08
CA GLU B 27 -14.32 -16.15 25.03
C GLU B 27 -15.67 -15.97 24.28
N GLU B 28 -16.34 -14.88 24.63
CA GLU B 28 -17.62 -14.55 23.94
C GLU B 28 -17.40 -14.45 22.42
N ASP B 29 -16.33 -13.78 22.00
CA ASP B 29 -16.06 -13.57 20.56
C ASP B 29 -15.81 -14.91 19.90
N LEU B 30 -15.02 -15.79 20.54
CA LEU B 30 -14.68 -17.09 19.97
C LEU B 30 -15.85 -18.02 19.86
N ARG B 31 -16.73 -17.94 20.87
CA ARG B 31 -17.97 -18.69 20.84
C ARG B 31 -18.92 -18.20 19.72
N CYS B 32 -18.88 -16.88 19.50
CA CYS B 32 -19.69 -16.29 18.44
C CYS B 32 -19.17 -16.72 17.07
N MET B 33 -17.86 -16.62 16.84
CA MET B 33 -17.34 -17.11 15.58
C MET B 33 -17.57 -18.62 15.42
N THR B 34 -17.52 -19.42 16.50
CA THR B 34 -17.76 -20.84 16.39
C THR B 34 -19.22 -21.12 15.98
N ALA B 35 -20.13 -20.28 16.49
CA ALA B 35 -21.56 -20.43 16.19
C ALA B 35 -21.93 -19.95 14.79
N SER B 36 -21.07 -19.14 14.15
CA SER B 36 -21.33 -18.66 12.83
C SER B 36 -21.19 -19.75 11.77
N SER B 37 -21.48 -19.37 10.53
CA SER B 37 -21.34 -20.26 9.38
C SER B 37 -19.97 -20.31 8.82
N SER B 38 -19.01 -19.57 9.44
CA SER B 38 -17.63 -19.63 8.90
C SER B 38 -17.10 -21.10 8.89
N GLY B 39 -16.18 -21.38 8.00
CA GLY B 39 -15.53 -22.62 7.88
C GLY B 39 -14.47 -22.90 8.94
N ALA B 40 -13.92 -21.82 9.48
CA ALA B 40 -12.89 -21.90 10.53
C ALA B 40 -12.87 -20.60 11.33
N LEU B 41 -12.03 -20.52 12.36
CA LEU B 41 -11.84 -19.28 13.10
C LEU B 41 -10.39 -19.19 13.48
N VAL B 42 -9.92 -17.99 13.72
CA VAL B 42 -8.56 -17.76 14.21
C VAL B 42 -8.69 -16.82 15.45
N SER B 43 -7.88 -17.07 16.47
CA SER B 43 -7.90 -16.27 17.64
C SER B 43 -7.08 -15.01 17.48
N LYS B 44 -7.25 -14.02 18.33
CA LYS B 44 -6.50 -12.79 18.35
C LYS B 44 -5.03 -13.06 18.56
N SER B 45 -4.15 -12.38 17.81
CA SER B 45 -2.69 -12.61 18.02
C SER B 45 -2.40 -12.32 19.49
N CYS B 46 -1.57 -13.19 20.09
CA CYS B 46 -1.33 -13.05 21.53
C CYS B 46 0.14 -12.91 21.84
N THR B 47 0.27 -12.37 23.05
CA THR B 47 1.55 -12.22 23.73
C THR B 47 1.55 -13.12 24.97
N SER B 48 2.72 -13.27 25.59
CA SER B 48 2.82 -14.14 26.76
C SER B 48 1.97 -13.58 27.84
N ALA B 49 2.03 -12.26 28.05
CA ALA B 49 1.21 -11.61 29.07
C ALA B 49 -0.01 -10.89 28.45
N PRO B 50 -1.12 -10.73 29.17
CA PRO B 50 -2.22 -9.85 28.74
C PRO B 50 -1.76 -8.45 28.42
N ARG B 51 -2.43 -7.81 27.43
CA ARG B 51 -2.17 -6.44 27.13
C ARG B 51 -3.48 -5.70 27.01
N ASP B 52 -3.47 -4.44 27.50
CA ASP B 52 -4.59 -3.56 27.36
C ASP B 52 -4.60 -2.91 25.94
N GLY B 53 -3.46 -2.89 25.26
CA GLY B 53 -3.42 -2.16 23.97
C GLY B 53 -3.35 -0.68 24.11
N ASN B 54 -3.49 0.02 22.97
CA ASN B 54 -3.39 1.47 22.91
C ASN B 54 -4.64 2.17 23.32
N PRO B 55 -4.48 3.49 23.65
CA PRO B 55 -5.62 4.32 23.95
C PRO B 55 -6.64 4.44 22.82
N GLU B 56 -7.89 4.51 23.20
CA GLU B 56 -9.01 4.71 22.27
C GLU B 56 -9.26 6.19 21.93
N PRO B 57 -9.72 6.50 20.71
CA PRO B 57 -10.09 5.56 19.65
C PRO B 57 -8.89 4.99 18.90
N ARG B 58 -8.98 3.72 18.60
CA ARG B 58 -7.89 2.97 18.00
C ARG B 58 -8.27 2.18 16.72
N TYR B 59 -9.55 2.10 16.43
CA TYR B 59 -10.14 1.63 15.20
C TYR B 59 -11.19 2.55 14.73
N MET B 60 -11.20 2.79 13.39
CA MET B 60 -12.29 3.44 12.73
C MET B 60 -12.53 2.95 11.38
N ALA B 61 -13.80 2.90 10.97
CA ALA B 61 -14.18 2.49 9.65
C ALA B 61 -15.02 3.46 8.91
N PHE B 62 -14.92 3.32 7.60
CA PHE B 62 -15.42 4.28 6.60
C PHE B 62 -15.87 3.46 5.40
N PRO B 63 -16.59 4.11 4.44
CA PRO B 63 -17.07 3.38 3.29
C PRO B 63 -16.04 2.57 2.55
N LEU B 64 -14.81 3.09 2.46
CA LEU B 64 -13.79 2.36 1.74
C LEU B 64 -12.90 1.43 2.58
N GLY B 65 -13.06 1.42 3.88
CA GLY B 65 -12.28 0.54 4.69
C GLY B 65 -12.08 1.02 6.09
N SER B 66 -10.99 0.59 6.67
CA SER B 66 -10.72 0.85 8.08
C SER B 66 -9.28 1.18 8.35
N ILE B 67 -9.05 1.82 9.48
CA ILE B 67 -7.70 2.11 9.95
C ILE B 67 -7.66 1.65 11.45
N ASN B 68 -6.55 1.04 11.85
CA ASN B 68 -6.37 0.63 13.23
C ASN B 68 -4.92 0.73 13.68
N SER B 69 -4.85 1.10 15.01
CA SER B 69 -3.60 0.90 15.77
C SER B 69 -3.95 0.34 17.09
N MET B 70 -4.45 -0.90 17.07
CA MET B 70 -4.95 -1.49 18.29
C MET B 70 -3.88 -1.58 19.35
N GLY B 71 -2.65 -1.89 19.00
CA GLY B 71 -1.63 -2.17 19.97
C GLY B 71 -1.66 -3.53 20.61
N LEU B 72 -2.15 -4.53 19.88
CA LEU B 72 -2.23 -5.86 20.37
C LEU B 72 -2.90 -6.05 21.71
N PRO B 73 -4.09 -5.54 21.90
CA PRO B 73 -4.83 -5.85 23.14
C PRO B 73 -5.20 -7.30 23.06
N ASN B 74 -4.97 -8.08 24.13
CA ASN B 74 -5.30 -9.51 24.11
C ASN B 74 -5.29 -10.05 25.51
N LEU B 75 -5.89 -11.20 25.65
CA LEU B 75 -6.07 -11.76 26.99
C LEU B 75 -4.86 -12.59 27.46
N GLY B 76 -3.84 -12.66 26.66
CA GLY B 76 -2.69 -13.43 26.99
C GLY B 76 -2.70 -14.86 26.49
N PHE B 77 -1.53 -15.40 26.27
CA PHE B 77 -1.40 -16.71 25.71
C PHE B 77 -2.07 -17.84 26.55
N ASP B 78 -2.02 -17.71 27.86
CA ASP B 78 -2.55 -18.75 28.65
C ASP B 78 -4.02 -18.88 28.35
N PHE B 79 -4.69 -17.77 28.13
CA PHE B 79 -6.09 -17.84 27.82
C PHE B 79 -6.35 -18.53 26.48
N TYR B 80 -5.62 -18.14 25.46
CA TYR B 80 -5.89 -18.69 24.15
C TYR B 80 -5.59 -20.19 24.11
N LEU B 81 -4.54 -20.56 24.81
CA LEU B 81 -4.16 -21.96 24.93
C LEU B 81 -5.22 -22.79 25.66
N LYS B 82 -5.74 -22.22 26.74
CA LYS B 82 -6.85 -22.88 27.46
C LYS B 82 -8.09 -23.02 26.57
N TYR B 83 -8.37 -21.95 25.78
CA TYR B 83 -9.47 -22.00 24.85
C TYR B 83 -9.27 -23.17 23.86
N ALA B 84 -8.08 -23.25 23.30
CA ALA B 84 -7.75 -24.32 22.36
C ALA B 84 -7.81 -25.74 22.99
N SER B 85 -7.36 -25.80 24.23
CA SER B 85 -7.17 -27.10 24.88
C SER B 85 -8.46 -27.63 25.51
N ASP B 86 -9.27 -26.75 26.07
CA ASP B 86 -10.41 -27.14 26.90
C ASP B 86 -11.77 -26.66 26.43
N LEU B 87 -11.84 -25.52 25.73
CA LEU B 87 -13.13 -24.88 25.44
C LEU B 87 -13.65 -25.00 24.02
N HIS B 88 -12.76 -25.01 23.06
CA HIS B 88 -13.17 -25.04 21.67
C HIS B 88 -13.80 -26.39 21.32
N ASP B 89 -14.89 -26.31 20.58
CA ASP B 89 -15.54 -27.46 20.04
C ASP B 89 -15.08 -27.75 18.59
N TYR B 90 -14.14 -28.68 18.50
CA TYR B 90 -13.57 -29.07 17.26
C TYR B 90 -14.54 -29.78 16.33
N SER B 91 -15.63 -30.27 16.86
CA SER B 91 -16.65 -30.85 16.01
C SER B 91 -17.33 -29.80 15.15
N LYS B 92 -17.29 -28.56 15.58
CA LYS B 92 -17.95 -27.50 14.82
C LYS B 92 -17.08 -26.96 13.66
N LYS B 93 -15.78 -26.74 13.90
CA LYS B 93 -14.87 -26.29 12.86
C LYS B 93 -13.44 -26.23 13.39
N PRO B 94 -12.46 -26.10 12.48
CA PRO B 94 -11.10 -25.96 12.93
C PRO B 94 -10.82 -24.66 13.57
N LEU B 95 -9.80 -24.67 14.42
CA LEU B 95 -9.27 -23.51 15.09
C LEU B 95 -7.84 -23.22 14.75
N PHE B 96 -7.52 -21.95 14.42
CA PHE B 96 -6.19 -21.43 14.32
C PHE B 96 -5.92 -20.50 15.51
N LEU B 97 -4.69 -20.63 16.08
CA LEU B 97 -4.28 -19.77 17.13
C LEU B 97 -3.16 -18.91 16.59
N SER B 98 -3.32 -17.57 16.69
CA SER B 98 -2.32 -16.62 16.23
C SER B 98 -1.44 -16.11 17.35
N ILE B 99 -0.12 -16.16 17.15
CA ILE B 99 0.88 -15.70 18.08
C ILE B 99 1.68 -14.56 17.52
N SER B 100 1.93 -13.51 18.34
CA SER B 100 2.73 -12.38 17.95
C SER B 100 3.47 -11.87 19.15
N GLY B 101 4.45 -12.66 19.55
CA GLY B 101 5.28 -12.25 20.69
C GLY B 101 6.19 -11.06 20.40
N LEU B 102 6.59 -10.42 21.50
CA LEU B 102 7.44 -9.18 21.43
C LEU B 102 8.92 -9.47 21.05
N SER B 103 9.34 -10.76 21.09
CA SER B 103 10.71 -11.25 20.71
C SER B 103 10.65 -12.61 20.23
N VAL B 104 11.74 -13.07 19.65
CA VAL B 104 11.85 -14.37 19.25
C VAL B 104 11.73 -15.31 20.43
N GLU B 105 12.32 -14.92 21.55
CA GLU B 105 12.26 -15.75 22.71
C GLU B 105 10.87 -15.99 23.22
N GLU B 106 10.07 -14.96 23.16
CA GLU B 106 8.70 -15.08 23.61
C GLU B 106 7.91 -16.03 22.71
N ASN B 107 8.13 -15.90 21.43
CA ASN B 107 7.46 -16.77 20.49
C ASN B 107 7.85 -18.20 20.70
N VAL B 108 9.15 -18.43 20.93
CA VAL B 108 9.62 -19.76 21.16
C VAL B 108 9.00 -20.39 22.39
N ALA B 109 8.95 -19.62 23.47
CA ALA B 109 8.32 -20.07 24.66
C ALA B 109 6.85 -20.42 24.47
N MET B 110 6.15 -19.59 23.71
CA MET B 110 4.75 -19.89 23.47
C MET B 110 4.59 -21.15 22.59
N VAL B 111 5.36 -21.26 21.49
CA VAL B 111 5.18 -22.38 20.62
C VAL B 111 5.55 -23.74 21.26
N ARG B 112 6.52 -23.68 22.19
CA ARG B 112 6.85 -24.98 22.89
C ARG B 112 5.72 -25.46 23.71
N ARG B 113 4.89 -24.53 24.25
CA ARG B 113 3.68 -24.93 24.98
C ARG B 113 2.50 -25.29 24.10
N LEU B 114 2.42 -24.65 22.89
CA LEU B 114 1.33 -24.97 22.04
C LEU B 114 1.47 -26.35 21.39
N ALA B 115 2.70 -26.80 21.13
CA ALA B 115 2.95 -28.05 20.39
C ALA B 115 2.18 -29.26 20.90
N PRO B 116 2.22 -29.57 22.25
CA PRO B 116 1.37 -30.67 22.67
C PRO B 116 -0.10 -30.57 22.53
N VAL B 117 -0.60 -29.34 22.60
CA VAL B 117 -2.00 -29.06 22.29
C VAL B 117 -2.39 -29.23 20.83
N ALA B 118 -1.51 -28.70 19.96
CA ALA B 118 -1.61 -29.01 18.52
C ALA B 118 -1.68 -30.53 18.23
N GLN B 119 -0.72 -31.30 18.81
CA GLN B 119 -0.73 -32.75 18.67
C GLN B 119 -2.03 -33.34 19.16
N GLU B 120 -2.54 -32.94 20.33
CA GLU B 120 -3.66 -33.64 20.93
C GLU B 120 -5.01 -33.22 20.29
N LYS B 121 -5.16 -31.92 20.00
CA LYS B 121 -6.43 -31.33 19.62
C LYS B 121 -6.49 -30.92 18.12
N GLY B 122 -5.37 -30.73 17.49
CA GLY B 122 -5.35 -30.28 16.10
C GLY B 122 -5.45 -28.78 15.90
N VAL B 123 -5.39 -27.96 16.93
CA VAL B 123 -5.26 -26.49 16.74
C VAL B 123 -4.08 -26.18 15.83
N LEU B 124 -4.26 -25.21 14.92
CA LEU B 124 -3.24 -24.83 13.94
C LEU B 124 -2.61 -23.48 14.28
N LEU B 125 -1.31 -23.40 14.15
CA LEU B 125 -0.59 -22.19 14.53
C LEU B 125 -0.44 -21.23 13.27
N GLU B 126 -0.86 -19.98 13.47
CA GLU B 126 -0.59 -18.84 12.57
C GLU B 126 0.38 -17.86 13.24
N LEU B 127 1.61 -17.76 12.77
CA LEU B 127 2.62 -16.91 13.36
C LEU B 127 2.56 -15.53 12.69
N ASN B 128 2.23 -14.51 13.48
CA ASN B 128 2.13 -13.15 12.94
C ASN B 128 3.46 -12.47 12.90
N LEU B 129 4.04 -12.34 11.70
CA LEU B 129 5.37 -11.72 11.53
C LEU B 129 5.40 -10.24 11.41
N SER B 130 4.27 -9.57 11.67
CA SER B 130 4.17 -8.09 11.85
C SER B 130 4.43 -7.73 13.28
N CYS B 131 5.60 -8.07 13.74
CA CYS B 131 5.87 -8.03 15.19
C CYS B 131 7.18 -7.27 15.39
N PRO B 132 7.37 -6.83 16.64
CA PRO B 132 8.46 -5.97 17.02
C PRO B 132 9.81 -6.58 16.73
N ASN B 133 10.72 -5.68 16.37
CA ASN B 133 12.08 -6.04 16.00
C ASN B 133 13.07 -5.21 16.85
N VAL B 134 14.36 -5.43 16.62
CA VAL B 134 15.39 -4.80 17.45
C VAL B 134 15.46 -3.33 17.03
N PRO B 135 16.15 -2.49 17.82
CA PRO B 135 16.16 -1.03 17.54
C PRO B 135 16.60 -0.66 16.14
N GLY B 136 15.83 0.30 15.58
CA GLY B 136 16.08 0.94 14.27
C GLY B 136 15.59 0.16 13.09
N LYS B 137 14.97 -0.99 13.36
CA LYS B 137 14.63 -1.91 12.35
C LYS B 137 13.11 -1.91 12.14
N PRO B 138 12.73 -2.30 10.93
CA PRO B 138 11.34 -2.36 10.63
C PRO B 138 10.75 -3.63 11.21
N GLN B 139 9.46 -3.82 11.00
CA GLN B 139 8.80 -5.02 11.47
C GLN B 139 9.61 -6.23 10.95
N VAL B 140 9.47 -7.33 11.65
CA VAL B 140 10.20 -8.52 11.37
C VAL B 140 10.09 -8.98 9.91
N ALA B 141 8.84 -9.00 9.35
CA ALA B 141 8.75 -9.49 7.98
C ALA B 141 9.31 -8.60 6.95
N TYR B 142 9.68 -7.38 7.34
CA TYR B 142 10.37 -6.44 6.45
C TYR B 142 11.90 -6.40 6.65
N ASP B 143 12.40 -7.32 7.45
CA ASP B 143 13.82 -7.49 7.73
C ASP B 143 14.07 -8.97 7.53
N PHE B 144 14.55 -9.30 6.36
CA PHE B 144 14.56 -10.67 5.91
C PHE B 144 15.48 -11.55 6.75
N GLU B 145 16.58 -10.98 7.23
CA GLU B 145 17.43 -11.77 8.13
C GLU B 145 16.74 -12.05 9.44
N ALA B 146 16.01 -11.10 10.02
CA ALA B 146 15.21 -11.36 11.21
C ALA B 146 14.16 -12.45 10.95
N MET B 147 13.43 -12.30 9.81
CA MET B 147 12.45 -13.29 9.47
C MET B 147 12.99 -14.72 9.45
N ARG B 148 14.14 -14.88 8.78
CA ARG B 148 14.82 -16.20 8.68
C ARG B 148 15.13 -16.73 10.10
N THR B 149 15.62 -15.87 10.98
CA THR B 149 15.79 -16.28 12.43
C THR B 149 14.58 -16.68 13.16
N TYR B 150 13.53 -15.90 13.05
CA TYR B 150 12.35 -16.26 13.71
C TYR B 150 11.87 -17.62 13.22
N LEU B 151 11.84 -17.80 11.89
CA LEU B 151 11.33 -19.05 11.35
C LEU B 151 12.19 -20.24 11.71
N GLN B 152 13.49 -20.03 11.77
CA GLN B 152 14.40 -21.13 12.16
C GLN B 152 14.11 -21.53 13.62
N GLN B 153 14.00 -20.54 14.47
CA GLN B 153 13.76 -20.75 15.90
C GLN B 153 12.38 -21.36 16.22
N VAL B 154 11.35 -20.86 15.53
CA VAL B 154 10.04 -21.43 15.69
C VAL B 154 9.93 -22.84 15.14
N SER B 155 10.48 -23.07 13.97
CA SER B 155 10.46 -24.35 13.36
C SER B 155 11.12 -25.35 14.33
N LEU B 156 12.24 -24.98 14.91
CA LEU B 156 12.93 -25.93 15.81
C LEU B 156 12.15 -26.18 17.09
N ALA B 157 11.62 -25.12 17.65
CA ALA B 157 10.88 -25.16 18.93
C ALA B 157 9.51 -25.86 18.80
N TYR B 158 8.81 -25.70 17.65
CA TYR B 158 7.49 -26.16 17.52
C TYR B 158 7.45 -27.56 16.93
N GLY B 159 8.17 -27.74 15.80
CA GLY B 159 8.35 -29.01 15.15
C GLY B 159 7.23 -29.60 14.34
N LEU B 160 6.17 -28.79 14.19
CA LEU B 160 4.94 -29.22 13.56
C LEU B 160 4.60 -28.22 12.41
N PRO B 161 3.79 -28.67 11.45
CA PRO B 161 3.33 -27.70 10.39
C PRO B 161 2.66 -26.45 11.02
N PHE B 162 2.95 -25.30 10.45
CA PHE B 162 2.38 -24.00 10.89
C PHE B 162 2.33 -23.09 9.69
N GLY B 163 1.75 -21.92 9.90
CA GLY B 163 1.63 -20.89 8.89
C GLY B 163 2.08 -19.58 9.40
N VAL B 164 2.25 -18.65 8.47
CA VAL B 164 2.73 -17.34 8.78
C VAL B 164 1.78 -16.29 8.18
N LYS B 165 1.50 -15.28 8.96
CA LYS B 165 0.75 -14.09 8.52
C LYS B 165 1.79 -13.02 8.10
N MET B 166 1.65 -12.57 6.82
CA MET B 166 2.59 -11.64 6.18
C MET B 166 2.00 -10.28 5.99
N PRO B 167 2.78 -9.23 6.15
CA PRO B 167 2.42 -7.90 5.66
C PRO B 167 2.53 -7.90 4.15
N PRO B 168 1.84 -6.92 3.50
CA PRO B 168 2.06 -6.79 2.06
C PRO B 168 3.44 -6.28 1.64
N TYR B 169 3.83 -6.74 0.49
CA TYR B 169 5.00 -6.24 -0.21
C TYR B 169 4.60 -5.53 -1.52
N PHE B 170 5.48 -4.68 -2.02
CA PHE B 170 5.12 -3.70 -3.10
C PHE B 170 6.19 -3.67 -4.15
N ASP B 171 7.08 -4.65 -4.13
CA ASP B 171 8.27 -4.63 -5.03
C ASP B 171 8.53 -6.09 -5.42
N ILE B 172 8.79 -6.37 -6.69
CA ILE B 172 8.93 -7.74 -7.16
C ILE B 172 10.18 -8.39 -6.57
N ALA B 173 11.24 -7.63 -6.38
CA ALA B 173 12.41 -8.19 -5.73
C ALA B 173 12.08 -8.63 -4.30
N HIS B 174 11.25 -7.85 -3.62
CA HIS B 174 10.84 -8.25 -2.28
C HIS B 174 10.03 -9.54 -2.29
N PHE B 175 9.14 -9.70 -3.26
CA PHE B 175 8.38 -10.92 -3.33
C PHE B 175 9.38 -12.08 -3.50
N ASP B 176 10.36 -11.88 -4.35
CA ASP B 176 11.30 -12.96 -4.62
C ASP B 176 12.09 -13.30 -3.33
N THR B 177 12.56 -12.30 -2.61
CA THR B 177 13.32 -12.55 -1.40
C THR B 177 12.49 -13.23 -0.36
N ALA B 178 11.28 -12.69 -0.12
CA ALA B 178 10.47 -13.14 0.98
C ALA B 178 10.04 -14.55 0.73
N ALA B 179 9.66 -14.89 -0.52
CA ALA B 179 9.21 -16.23 -0.83
C ALA B 179 10.42 -17.20 -0.67
N ALA B 180 11.61 -16.76 -1.06
CA ALA B 180 12.76 -17.63 -0.88
C ALA B 180 13.04 -17.91 0.55
N VAL B 181 12.88 -16.92 1.41
CA VAL B 181 13.00 -17.20 2.84
C VAL B 181 11.99 -18.23 3.32
N LEU B 182 10.70 -18.05 2.95
CA LEU B 182 9.73 -18.95 3.39
C LEU B 182 9.94 -20.39 2.94
N ASN B 183 10.44 -20.52 1.70
CA ASN B 183 10.63 -21.80 1.08
C ASN B 183 11.90 -22.54 1.71
N GLU B 184 12.61 -21.86 2.58
CA GLU B 184 13.68 -22.58 3.38
C GLU B 184 13.11 -23.46 4.46
N PHE B 185 11.83 -23.28 4.79
CA PHE B 185 11.21 -23.86 5.97
C PHE B 185 10.10 -24.81 5.57
N PRO B 186 10.32 -26.12 5.54
CA PRO B 186 9.32 -27.02 5.14
C PRO B 186 8.10 -27.08 6.07
N LEU B 187 8.27 -26.68 7.32
CA LEU B 187 7.14 -26.76 8.26
C LEU B 187 6.18 -25.60 8.04
N VAL B 188 6.64 -24.62 7.24
CA VAL B 188 5.69 -23.48 6.91
C VAL B 188 4.83 -23.98 5.83
N LYS B 189 3.61 -24.37 6.18
CA LYS B 189 2.72 -25.03 5.23
C LYS B 189 1.64 -24.08 4.64
N PHE B 190 1.47 -22.91 5.25
CA PHE B 190 0.51 -21.93 4.65
C PHE B 190 1.07 -20.56 4.93
N VAL B 191 0.76 -19.60 4.02
CA VAL B 191 1.20 -18.24 4.10
C VAL B 191 -0.13 -17.44 3.99
N THR B 192 -0.39 -16.56 4.92
CA THR B 192 -1.61 -15.69 4.83
C THR B 192 -1.20 -14.34 4.40
N CYS B 193 -1.76 -13.97 3.26
CA CYS B 193 -1.42 -12.71 2.55
C CYS B 193 -2.76 -11.95 2.47
N VAL B 194 -3.00 -10.82 3.17
CA VAL B 194 -2.06 -9.96 3.85
C VAL B 194 -2.61 -9.41 5.13
N ASN B 195 -1.67 -8.99 5.99
CA ASN B 195 -1.97 -8.06 7.06
C ASN B 195 -2.34 -6.68 6.53
N SER B 196 -2.72 -5.78 7.42
CA SER B 196 -3.07 -4.43 7.02
C SER B 196 -1.93 -3.72 6.30
N VAL B 197 -2.33 -2.84 5.44
CA VAL B 197 -1.34 -2.03 4.71
C VAL B 197 -0.81 -0.93 5.70
N GLY B 198 0.46 -0.99 6.06
CA GLY B 198 0.92 -0.26 7.19
C GLY B 198 0.96 1.25 7.07
N ASN B 199 0.64 1.86 8.22
CA ASN B 199 0.88 3.28 8.50
C ASN B 199 0.32 4.19 7.40
N GLY B 200 -1.00 3.98 7.15
CA GLY B 200 -1.79 4.93 6.48
C GLY B 200 -2.29 6.00 7.45
N LEU B 201 -2.96 7.02 6.95
CA LEU B 201 -3.43 8.15 7.77
C LEU B 201 -4.72 8.61 7.20
N VAL B 202 -5.79 8.51 8.02
CA VAL B 202 -7.09 9.05 7.67
C VAL B 202 -7.33 10.37 8.41
N ILE B 203 -7.73 11.39 7.68
CA ILE B 203 -7.98 12.68 8.24
C ILE B 203 -9.42 13.01 7.94
N ASP B 204 -10.09 13.61 8.92
CA ASP B 204 -11.47 14.06 8.81
C ASP B 204 -11.50 15.54 8.42
N ALA B 205 -12.11 15.85 7.30
CA ALA B 205 -12.08 17.22 6.82
C ALA B 205 -12.81 18.24 7.72
N GLU B 206 -13.94 17.84 8.27
CA GLU B 206 -14.65 18.78 9.09
C GLU B 206 -13.91 19.23 10.35
N SER B 207 -13.36 18.25 11.05
CA SER B 207 -12.67 18.49 12.28
C SER B 207 -11.19 18.83 12.11
N GLU B 208 -10.72 18.58 10.90
CA GLU B 208 -9.32 18.82 10.53
C GLU B 208 -8.38 17.97 11.39
N SER B 209 -8.89 16.81 11.77
CA SER B 209 -8.20 15.95 12.72
C SER B 209 -8.00 14.53 12.21
N VAL B 210 -6.91 13.91 12.66
CA VAL B 210 -6.83 12.48 12.49
C VAL B 210 -7.92 11.74 13.30
N VAL B 211 -8.20 10.44 12.99
CA VAL B 211 -9.38 9.81 13.55
C VAL B 211 -9.07 8.69 14.57
N ILE B 212 -7.79 8.31 14.70
CA ILE B 212 -7.39 7.50 15.76
C ILE B 212 -6.32 8.20 16.61
N LYS B 213 -6.33 7.84 17.90
CA LYS B 213 -5.47 8.53 18.89
C LYS B 213 -4.00 8.04 18.90
N PRO B 214 -3.71 6.73 18.82
CA PRO B 214 -2.27 6.32 18.87
C PRO B 214 -1.51 6.85 17.64
N LYS B 215 -0.19 6.88 17.78
CA LYS B 215 0.72 7.08 16.65
C LYS B 215 0.36 8.31 15.81
N GLN B 216 -0.16 9.38 16.40
CA GLN B 216 -0.50 10.62 15.69
C GLN B 216 -1.45 10.37 14.50
N GLY B 217 -2.28 9.36 14.65
CA GLY B 217 -3.29 9.02 13.69
C GLY B 217 -2.90 7.93 12.70
N PHE B 218 -1.62 7.52 12.67
CA PHE B 218 -1.16 6.56 11.66
C PHE B 218 -1.65 5.16 12.12
N GLY B 219 -2.04 4.29 11.17
CA GLY B 219 -2.40 2.94 11.46
C GLY B 219 -2.61 2.10 10.24
N GLY B 220 -2.79 0.81 10.44
CA GLY B 220 -2.92 -0.12 9.33
C GLY B 220 -4.25 0.02 8.67
N LEU B 221 -4.23 -0.12 7.34
CA LEU B 221 -5.44 0.01 6.53
C LEU B 221 -5.94 -1.37 6.17
N GLY B 222 -7.29 -1.47 6.18
CA GLY B 222 -7.94 -2.67 5.69
C GLY B 222 -9.16 -2.27 4.85
N GLY B 223 -9.79 -3.29 4.28
CA GLY B 223 -10.97 -3.03 3.49
C GLY B 223 -10.75 -2.76 2.01
N LYS B 224 -11.66 -1.96 1.40
CA LYS B 224 -11.66 -1.83 -0.02
C LYS B 224 -10.40 -1.17 -0.57
N TYR B 225 -9.75 -0.34 0.26
CA TYR B 225 -8.49 0.26 -0.10
C TYR B 225 -7.48 -0.79 -0.60
N ILE B 226 -7.52 -1.99 0.01
CA ILE B 226 -6.38 -2.87 -0.08
C ILE B 226 -6.58 -4.13 -0.94
N LEU B 227 -7.74 -4.29 -1.58
CA LEU B 227 -7.99 -5.50 -2.35
C LEU B 227 -6.98 -5.78 -3.44
N PRO B 228 -6.62 -4.77 -4.27
CA PRO B 228 -5.66 -5.10 -5.35
C PRO B 228 -4.21 -5.47 -4.75
N THR B 229 -3.85 -4.82 -3.66
CA THR B 229 -2.60 -5.16 -2.94
C THR B 229 -2.69 -6.59 -2.45
N ALA B 230 -3.81 -6.95 -1.84
CA ALA B 230 -4.02 -8.29 -1.30
C ALA B 230 -3.95 -9.34 -2.38
N LEU B 231 -4.63 -9.12 -3.52
CA LEU B 231 -4.62 -10.06 -4.61
C LEU B 231 -3.23 -10.26 -5.17
N ALA B 232 -2.50 -9.16 -5.28
CA ALA B 232 -1.09 -9.26 -5.80
C ALA B 232 -0.23 -10.07 -4.87
N ASN B 233 -0.37 -9.92 -3.56
CA ASN B 233 0.45 -10.68 -2.67
C ASN B 233 0.06 -12.17 -2.69
N VAL B 234 -1.23 -12.41 -2.69
CA VAL B 234 -1.75 -13.77 -2.77
C VAL B 234 -1.10 -14.46 -4.02
N ASN B 235 -1.24 -13.81 -5.16
CA ASN B 235 -0.79 -14.44 -6.39
C ASN B 235 0.72 -14.55 -6.45
N ALA B 236 1.41 -13.53 -5.94
CA ALA B 236 2.86 -13.55 -5.98
C ALA B 236 3.33 -14.75 -5.19
N PHE B 237 2.85 -14.96 -3.96
CA PHE B 237 3.26 -16.12 -3.14
C PHE B 237 2.71 -17.43 -3.66
N TYR B 238 1.54 -17.46 -4.28
CA TYR B 238 1.00 -18.68 -4.87
C TYR B 238 1.94 -19.14 -5.95
N ARG B 239 2.45 -18.19 -6.74
CA ARG B 239 3.38 -18.52 -7.85
C ARG B 239 4.68 -19.03 -7.23
N ARG B 240 5.17 -18.40 -6.19
CA ARG B 240 6.55 -18.68 -5.70
C ARG B 240 6.63 -19.80 -4.74
N CYS B 241 5.52 -20.21 -4.15
CA CYS B 241 5.56 -21.24 -3.08
C CYS B 241 4.65 -22.36 -3.49
N PRO B 242 5.03 -23.16 -4.51
CA PRO B 242 4.16 -24.21 -4.97
C PRO B 242 3.91 -25.33 -4.01
N ASP B 243 4.73 -25.54 -3.01
CA ASP B 243 4.52 -26.57 -2.02
C ASP B 243 3.84 -26.08 -0.76
N LYS B 244 3.32 -24.83 -0.74
CA LYS B 244 2.62 -24.28 0.38
C LYS B 244 1.20 -23.96 -0.07
N LEU B 245 0.34 -23.78 0.90
CA LEU B 245 -1.00 -23.18 0.67
C LEU B 245 -0.84 -21.68 0.88
N VAL B 246 -1.68 -20.85 0.22
CA VAL B 246 -1.81 -19.45 0.43
C VAL B 246 -3.19 -19.20 0.93
N PHE B 247 -3.31 -18.43 1.99
CA PHE B 247 -4.61 -17.99 2.50
C PHE B 247 -4.76 -16.52 2.17
N GLY B 248 -5.91 -16.08 1.59
CA GLY B 248 -6.05 -14.71 1.25
C GLY B 248 -6.74 -13.91 2.29
N CYS B 249 -6.28 -12.69 2.54
CA CYS B 249 -6.92 -11.74 3.41
C CYS B 249 -6.74 -10.39 2.86
N GLY B 250 -7.84 -9.64 2.79
CA GLY B 250 -7.78 -8.25 2.48
C GLY B 250 -8.83 -7.84 1.50
N GLY B 251 -9.72 -6.96 1.90
CA GLY B 251 -10.71 -6.36 1.02
C GLY B 251 -11.84 -7.26 0.65
N VAL B 252 -12.14 -8.34 1.39
CA VAL B 252 -13.26 -9.17 1.03
C VAL B 252 -14.51 -8.58 1.69
N TYR B 253 -15.50 -8.24 0.83
CA TYR B 253 -16.82 -7.77 1.24
C TYR B 253 -17.92 -8.58 0.58
N SER B 254 -17.61 -9.38 -0.40
CA SER B 254 -18.60 -10.08 -1.22
C SER B 254 -18.04 -11.40 -1.66
N GLY B 255 -18.92 -12.24 -2.14
CA GLY B 255 -18.51 -13.46 -2.75
C GLY B 255 -17.65 -13.25 -3.98
N GLU B 256 -17.89 -12.16 -4.71
CA GLU B 256 -17.05 -11.84 -5.88
C GLU B 256 -15.61 -11.57 -5.45
N ASP B 257 -15.50 -10.86 -4.35
CA ASP B 257 -14.18 -10.53 -3.86
C ASP B 257 -13.45 -11.83 -3.44
N ALA B 258 -14.19 -12.73 -2.80
CA ALA B 258 -13.66 -14.04 -2.43
C ALA B 258 -13.23 -14.87 -3.65
N PHE B 259 -14.09 -14.80 -4.68
CA PHE B 259 -13.83 -15.46 -5.94
C PHE B 259 -12.49 -14.97 -6.57
N LEU B 260 -12.25 -13.66 -6.51
CA LEU B 260 -11.02 -13.08 -7.02
C LEU B 260 -9.79 -13.58 -6.19
N HIS B 261 -9.94 -13.62 -4.85
CA HIS B 261 -8.86 -14.17 -4.03
C HIS B 261 -8.55 -15.63 -4.41
N ILE B 262 -9.58 -16.47 -4.62
CA ILE B 262 -9.43 -17.83 -4.96
C ILE B 262 -8.76 -17.92 -6.35
N LEU B 263 -9.22 -17.15 -7.32
CA LEU B 263 -8.59 -17.12 -8.64
C LEU B 263 -7.10 -16.77 -8.61
N ALA B 264 -6.72 -15.90 -7.64
CA ALA B 264 -5.33 -15.53 -7.43
C ALA B 264 -4.55 -16.62 -6.76
N GLY B 265 -5.21 -17.59 -6.15
CA GLY B 265 -4.49 -18.68 -5.51
C GLY B 265 -4.94 -19.02 -4.06
N ALA B 266 -5.91 -18.34 -3.47
CA ALA B 266 -6.25 -18.57 -2.07
C ALA B 266 -6.96 -19.84 -1.85
N SER B 267 -6.54 -20.52 -0.78
CA SER B 267 -7.21 -21.72 -0.30
C SER B 267 -8.30 -21.36 0.70
N MET B 268 -7.95 -20.68 1.77
CA MET B 268 -8.91 -20.16 2.70
C MET B 268 -8.94 -18.62 2.40
N VAL B 269 -10.07 -17.96 2.77
CA VAL B 269 -10.32 -16.53 2.53
C VAL B 269 -10.75 -15.96 3.89
N GLN B 270 -9.99 -14.98 4.36
CA GLN B 270 -10.21 -14.40 5.68
C GLN B 270 -10.93 -13.04 5.50
N VAL B 271 -11.76 -12.69 6.46
CA VAL B 271 -12.53 -11.46 6.40
C VAL B 271 -12.35 -10.65 7.67
N GLY B 272 -11.78 -9.43 7.52
CA GLY B 272 -11.46 -8.57 8.60
C GLY B 272 -12.46 -7.42 8.73
N THR B 273 -12.15 -6.29 8.09
CA THR B 273 -12.98 -5.08 8.15
C THR B 273 -14.42 -5.39 7.86
N ALA B 274 -14.71 -6.13 6.81
CA ALA B 274 -16.15 -6.31 6.48
C ALA B 274 -16.90 -7.07 7.58
N LEU B 275 -16.23 -7.99 8.25
CA LEU B 275 -16.75 -8.77 9.36
C LEU B 275 -16.94 -7.83 10.56
N GLN B 276 -15.95 -7.00 10.86
CA GLN B 276 -16.08 -6.00 11.93
C GLN B 276 -17.25 -5.07 11.69
N GLU B 277 -17.55 -4.72 10.47
CA GLU B 277 -18.60 -3.81 10.16
C GLU B 277 -19.92 -4.50 10.10
N GLU B 278 -20.03 -5.67 9.53
CA GLU B 278 -21.34 -6.31 9.21
C GLU B 278 -21.73 -7.33 10.29
N GLY B 279 -20.77 -7.91 10.99
CA GLY B 279 -20.99 -8.90 11.96
C GLY B 279 -20.97 -10.30 11.31
N PRO B 280 -21.17 -11.37 12.10
CA PRO B 280 -20.95 -12.73 11.65
C PRO B 280 -21.96 -13.29 10.64
N GLY B 281 -23.09 -12.61 10.54
CA GLY B 281 -23.99 -12.88 9.43
C GLY B 281 -23.38 -12.78 8.09
N ILE B 282 -22.26 -12.04 7.95
CA ILE B 282 -21.61 -11.92 6.69
C ILE B 282 -21.28 -13.29 6.10
N PHE B 283 -21.01 -14.30 6.91
CA PHE B 283 -20.53 -15.60 6.37
C PHE B 283 -21.60 -16.29 5.57
N THR B 284 -22.85 -16.15 5.93
CA THR B 284 -23.86 -16.80 5.10
C THR B 284 -24.02 -16.14 3.79
N ARG B 285 -23.93 -14.82 3.76
CA ARG B 285 -23.97 -14.01 2.56
C ARG B 285 -22.83 -14.30 1.62
N LEU B 286 -21.60 -14.39 2.15
CA LEU B 286 -20.47 -14.70 1.35
C LEU B 286 -20.55 -16.06 0.70
N GLU B 287 -20.99 -17.07 1.43
CA GLU B 287 -21.12 -18.40 0.91
C GLU B 287 -22.15 -18.39 -0.21
N ASP B 288 -23.29 -17.74 0.01
CA ASP B 288 -24.35 -17.77 -1.00
C ASP B 288 -23.86 -17.10 -2.27
N GLU B 289 -23.22 -15.91 -2.08
CA GLU B 289 -22.71 -15.18 -3.18
C GLU B 289 -21.66 -15.96 -3.98
N LEU B 290 -20.75 -16.62 -3.29
CA LEU B 290 -19.70 -17.35 -3.98
C LEU B 290 -20.33 -18.55 -4.78
N LEU B 291 -21.30 -19.25 -4.17
CA LEU B 291 -21.95 -20.39 -4.85
C LEU B 291 -22.67 -19.85 -6.06
N GLU B 292 -23.26 -18.68 -5.96
CA GLU B 292 -24.01 -18.12 -7.11
C GLU B 292 -23.11 -17.81 -8.26
N ILE B 293 -21.95 -17.20 -8.01
CA ILE B 293 -20.94 -16.94 -9.08
C ILE B 293 -20.45 -18.24 -9.68
N MET B 294 -20.19 -19.22 -8.85
CA MET B 294 -19.71 -20.56 -9.33
C MET B 294 -20.81 -21.14 -10.29
N ALA B 295 -22.06 -21.09 -9.84
CA ALA B 295 -23.15 -21.70 -10.60
C ALA B 295 -23.28 -21.00 -11.94
N ARG B 296 -23.19 -19.69 -11.94
CA ARG B 296 -23.36 -18.93 -13.22
C ARG B 296 -22.22 -19.33 -14.19
N LYS B 297 -21.02 -19.62 -13.67
CA LYS B 297 -19.89 -19.97 -14.47
C LYS B 297 -19.75 -21.45 -14.81
N GLY B 298 -20.52 -22.31 -14.19
CA GLY B 298 -20.42 -23.73 -14.33
C GLY B 298 -19.35 -24.42 -13.53
N TYR B 299 -18.86 -23.76 -12.46
CA TYR B 299 -17.88 -24.36 -11.60
C TYR B 299 -18.57 -25.15 -10.52
N ARG B 300 -18.12 -26.36 -10.31
CA ARG B 300 -18.62 -27.18 -9.27
C ARG B 300 -17.73 -27.26 -8.02
N THR B 301 -16.43 -26.98 -8.17
CA THR B 301 -15.46 -27.09 -7.12
C THR B 301 -14.62 -25.81 -7.12
N LEU B 302 -14.05 -25.53 -5.97
CA LEU B 302 -13.02 -24.48 -5.83
C LEU B 302 -11.76 -24.80 -6.57
N GLU B 303 -11.39 -26.09 -6.61
CA GLU B 303 -10.14 -26.48 -7.25
C GLU B 303 -10.22 -26.22 -8.74
N GLU B 304 -11.41 -26.14 -9.31
CA GLU B 304 -11.49 -25.90 -10.77
C GLU B 304 -10.92 -24.58 -11.18
N PHE B 305 -10.99 -23.59 -10.26
CA PHE B 305 -10.51 -22.24 -10.59
C PHE B 305 -9.46 -21.66 -9.66
N ARG B 306 -9.10 -22.36 -8.59
CA ARG B 306 -8.12 -21.77 -7.68
C ARG B 306 -6.81 -21.56 -8.44
N GLY B 307 -6.26 -20.36 -8.36
CA GLY B 307 -5.01 -20.05 -8.98
C GLY B 307 -5.04 -19.91 -10.49
N ARG B 308 -6.21 -19.93 -11.06
CA ARG B 308 -6.35 -20.01 -12.49
C ARG B 308 -6.63 -18.64 -13.12
N VAL B 309 -6.28 -17.55 -12.47
CA VAL B 309 -6.34 -16.23 -13.05
C VAL B 309 -5.59 -16.26 -14.38
N LYS B 310 -6.21 -15.68 -15.37
CA LYS B 310 -5.59 -15.60 -16.69
C LYS B 310 -4.77 -14.34 -16.91
N THR B 311 -3.63 -14.49 -17.59
CA THR B 311 -2.79 -13.36 -17.98
C THR B 311 -3.03 -13.09 -19.42
N ILE B 312 -2.61 -11.94 -19.86
CA ILE B 312 -2.80 -11.51 -21.27
C ILE B 312 -1.55 -11.79 -22.05
N GLU B 313 -1.69 -12.63 -23.08
CA GLU B 313 -0.60 -13.07 -23.97
C GLU B 313 0.61 -13.62 -23.22
#